data_2IIE
#
_entry.id   2IIE
#
_cell.length_a   47.371
_cell.length_b   55.311
_cell.length_c   177.833
_cell.angle_alpha   90.000
_cell.angle_beta   90.000
_cell.angle_gamma   90.000
#
_symmetry.space_group_name_H-M   'P 21 21 21'
#
loop_
_entity.id
_entity.type
_entity.pdbx_description
1 polymer "Phage P H' site"
2 polymer "DNA (5'-D(*DGP*DGP*DCP*DCP*DAP*DAP*DAP*DAP*DAP*DAP*DGP*DCP*DAP*DTP*DT)-3')"
3 polymer "DNA (5'-D(*DGP*DCP*DTP*DTP*DAP*DTP*DCP*DAP*DAP*DTP*DTP*DTP*DGP*DTP*DTP*DGP*DCP*DAP*DCP*DC)-3')"
4 polymer 'Integration host factor'
5 non-polymer 'MANGANESE (II) ION'
6 water water
#
loop_
_entity_poly.entity_id
_entity_poly.type
_entity_poly.pdbx_seq_one_letter_code
_entity_poly.pdbx_strand_id
1 'polydeoxyribonucleotide'
;(DC)(DG)(DG)(DT)(DG)(DC)(DA)(DA)(DC)(DA)(DA)(DA)(DT)(DT)(DG)(DA)(DT)(DA)(DA)(DG)
(DC)(DA)(DA)(DT)(DG)(DC)(DT)(DT)(DT)(DT)(DT)(DT)(DG)(DG)(DC)
;
C
2 'polydeoxyribonucleotide' (DG)(DG)(DC)(DC)(DA)(DA)(DA)(DA)(DA)(DA)(DG)(DC)(DA)(DT)(DT) D
3 'polydeoxyribonucleotide' (DG)(DC)(DT)(DT)(DA)(DT)(DC)(DA)(DA)(DT)(DT)(DT)(DG)(DT)(DT)(DG)(DC)(DA)(DC)(DC) E
4 'polypeptide(L)'
;MASTKSELIERLATQQSHIPAKTVEDAVKEMLEHMASTLAQGGSGGLTKAEMSEYLFDKLGLSKRDAKELVELFFEEIRR
ALENGEQVKLSGFGNFDLRDKNQRPGRNPKTGEDIPITARRVVTFRPGQKLKSRVENAGGGERIEIRGFGSFSLHYRAPR
TGRNPKTGDKVELEGKYVPHFKPGKELRDRANIYGGSGHHHHHH
;
A
#
# COMPACT_ATOMS: atom_id res chain seq x y z
N MET D 1 -5.59 -11.50 14.83
CA MET D 1 -4.54 -10.58 14.28
C MET D 1 -4.83 -10.18 12.83
N ALA D 2 -5.90 -9.41 12.65
CA ALA D 2 -6.31 -8.93 11.33
C ALA D 2 -7.20 -7.72 11.51
N SER D 3 -6.90 -6.69 10.73
CA SER D 3 -7.66 -5.45 10.74
C SER D 3 -8.38 -5.30 9.40
N THR D 4 -9.60 -4.79 9.45
CA THR D 4 -10.40 -4.59 8.25
C THR D 4 -10.62 -3.10 8.02
N LYS D 5 -11.21 -2.78 6.88
CA LYS D 5 -11.50 -1.41 6.50
C LYS D 5 -12.41 -0.75 7.55
N SER D 6 -13.47 -1.45 7.94
CA SER D 6 -14.41 -0.92 8.93
C SER D 6 -13.80 -0.77 10.32
N GLU D 7 -12.95 -1.71 10.71
CA GLU D 7 -12.29 -1.68 12.01
C GLU D 7 -11.28 -0.53 12.02
N LEU D 8 -10.78 -0.20 10.84
CA LEU D 8 -9.80 0.87 10.69
C LEU D 8 -10.51 2.22 10.75
N ILE D 9 -11.68 2.30 10.10
CA ILE D 9 -12.47 3.52 10.07
C ILE D 9 -13.03 3.76 11.47
N GLU D 10 -13.22 2.69 12.21
CA GLU D 10 -13.72 2.81 13.57
C GLU D 10 -12.67 3.48 14.46
N ARG D 11 -11.41 3.07 14.33
CA ARG D 11 -10.34 3.64 15.15
C ARG D 11 -10.03 5.08 14.74
N LEU D 12 -10.16 5.37 13.44
CA LEU D 12 -9.91 6.71 12.95
C LEU D 12 -11.06 7.61 13.39
N ALA D 13 -12.24 7.02 13.56
CA ALA D 13 -13.43 7.73 14.00
C ALA D 13 -13.31 8.16 15.45
N THR D 14 -12.87 7.26 16.30
CA THR D 14 -12.71 7.55 17.73
C THR D 14 -11.42 8.29 18.03
N GLN D 15 -10.85 8.92 17.02
CA GLN D 15 -9.61 9.69 17.16
C GLN D 15 -9.78 10.98 16.40
N GLN D 16 -10.94 11.13 15.78
CA GLN D 16 -11.29 12.32 15.00
C GLN D 16 -12.69 12.73 15.43
N SER D 17 -12.88 12.82 16.74
CA SER D 17 -14.16 13.22 17.33
C SER D 17 -14.65 14.59 16.85
N HIS D 18 -13.71 15.49 16.56
CA HIS D 18 -14.07 16.82 16.09
C HIS D 18 -14.66 16.70 14.68
N ILE D 19 -14.79 15.47 14.21
CA ILE D 19 -15.33 15.17 12.89
C ILE D 19 -16.34 14.05 12.98
N PRO D 20 -17.53 14.25 12.39
CA PRO D 20 -18.60 13.24 12.42
C PRO D 20 -18.16 11.93 11.77
N ALA D 21 -18.33 10.84 12.50
CA ALA D 21 -17.95 9.53 12.02
C ALA D 21 -18.31 9.30 10.55
N LYS D 22 -19.55 9.57 10.16
CA LYS D 22 -19.98 9.35 8.78
C LYS D 22 -19.07 10.05 7.78
N THR D 23 -18.46 11.15 8.21
CA THR D 23 -17.56 11.87 7.33
C THR D 23 -16.20 11.17 7.39
N VAL D 24 -15.83 10.69 8.58
CA VAL D 24 -14.57 9.98 8.77
C VAL D 24 -14.60 8.74 7.89
N GLU D 25 -15.78 8.12 7.80
CA GLU D 25 -15.99 6.93 7.01
C GLU D 25 -16.03 7.25 5.53
N ASP D 26 -16.77 8.30 5.16
CA ASP D 26 -16.86 8.69 3.77
C ASP D 26 -15.48 9.04 3.24
N ALA D 27 -14.68 9.65 4.11
CA ALA D 27 -13.32 10.06 3.77
C ALA D 27 -12.44 8.88 3.34
N VAL D 28 -12.27 7.90 4.23
CA VAL D 28 -11.47 6.74 3.91
C VAL D 28 -11.87 6.11 2.57
N LYS D 29 -13.17 5.96 2.33
CA LYS D 29 -13.65 5.37 1.10
C LYS D 29 -13.30 6.23 -0.10
N GLU D 30 -13.29 7.54 0.09
CA GLU D 30 -12.93 8.43 -0.99
C GLU D 30 -11.43 8.31 -1.28
N MET D 31 -10.63 8.19 -0.23
CA MET D 31 -9.17 8.06 -0.35
C MET D 31 -8.84 6.81 -1.15
N LEU D 32 -9.39 5.68 -0.72
CA LEU D 32 -9.18 4.41 -1.38
C LEU D 32 -9.66 4.41 -2.82
N GLU D 33 -10.73 5.17 -3.09
CA GLU D 33 -11.25 5.27 -4.44
C GLU D 33 -10.35 6.16 -5.27
N HIS D 34 -9.87 7.24 -4.65
CA HIS D 34 -8.97 8.17 -5.33
C HIS D 34 -7.71 7.37 -5.69
N MET D 35 -7.25 6.56 -4.74
CA MET D 35 -6.06 5.74 -4.92
C MET D 35 -6.21 4.71 -6.03
N ALA D 36 -7.32 3.97 -6.03
CA ALA D 36 -7.54 2.96 -7.06
C ALA D 36 -7.62 3.64 -8.43
N SER D 37 -8.39 4.72 -8.48
CA SER D 37 -8.55 5.49 -9.70
C SER D 37 -7.20 5.88 -10.29
N THR D 38 -6.31 6.40 -9.44
CA THR D 38 -4.98 6.81 -9.88
C THR D 38 -4.23 5.67 -10.57
N LEU D 39 -4.20 4.51 -9.91
CA LEU D 39 -3.51 3.35 -10.45
C LEU D 39 -4.19 2.78 -11.69
N ALA D 40 -5.51 2.91 -11.74
CA ALA D 40 -6.28 2.38 -12.87
C ALA D 40 -6.27 3.25 -14.11
N GLN D 41 -6.63 4.52 -13.93
CA GLN D 41 -6.70 5.48 -15.03
C GLN D 41 -5.65 6.59 -14.86
N GLY D 42 -5.38 6.96 -13.60
CA GLY D 42 -4.40 8.00 -13.34
C GLY D 42 -4.90 9.38 -13.71
N GLY D 43 -4.36 9.92 -14.79
CA GLY D 43 -4.77 11.22 -15.26
C GLY D 43 -4.14 12.44 -14.60
N SER D 44 -4.04 12.42 -13.27
CA SER D 44 -3.47 13.55 -12.56
C SER D 44 -2.05 13.33 -12.03
N GLY D 45 -1.21 12.66 -12.82
CA GLY D 45 0.15 12.40 -12.40
C GLY D 45 0.28 11.66 -11.08
N GLY D 46 1.48 11.63 -10.53
CA GLY D 46 1.70 10.94 -9.27
C GLY D 46 0.73 11.38 -8.20
N LEU D 47 0.29 10.46 -7.37
CA LEU D 47 -0.63 10.79 -6.30
C LEU D 47 0.21 11.04 -5.06
N THR D 48 -0.21 11.99 -4.24
CA THR D 48 0.51 12.33 -3.01
C THR D 48 -0.47 12.72 -1.92
N LYS D 49 0.04 12.84 -0.69
CA LYS D 49 -0.79 13.21 0.45
C LYS D 49 -1.59 14.50 0.18
N ALA D 50 -0.95 15.47 -0.47
CA ALA D 50 -1.59 16.73 -0.79
C ALA D 50 -2.76 16.59 -1.75
N GLU D 51 -2.59 15.78 -2.79
CA GLU D 51 -3.63 15.60 -3.78
C GLU D 51 -4.82 14.87 -3.17
N MET D 52 -4.54 13.97 -2.24
CA MET D 52 -5.60 13.22 -1.56
C MET D 52 -6.41 14.14 -0.64
N SER D 53 -5.75 15.13 -0.05
CA SER D 53 -6.40 16.08 0.83
C SER D 53 -7.23 17.06 0.01
N GLU D 54 -6.60 17.65 -0.99
CA GLU D 54 -7.28 18.60 -1.88
C GLU D 54 -8.55 17.93 -2.39
N TYR D 55 -8.44 16.66 -2.76
CA TYR D 55 -9.58 15.91 -3.28
C TYR D 55 -10.71 15.78 -2.27
N LEU D 56 -10.38 15.51 -1.01
CA LEU D 56 -11.41 15.38 0.02
C LEU D 56 -12.09 16.73 0.27
N PHE D 57 -11.34 17.80 0.03
CA PHE D 57 -11.84 19.16 0.19
C PHE D 57 -12.90 19.33 -0.89
N ASP D 58 -12.45 19.29 -2.14
CA ASP D 58 -13.33 19.43 -3.29
C ASP D 58 -14.56 18.55 -3.12
N LYS D 59 -14.33 17.25 -3.11
CA LYS D 59 -15.37 16.24 -3.03
C LYS D 59 -16.27 16.23 -1.80
N LEU D 60 -15.69 16.20 -0.60
CA LEU D 60 -16.50 16.15 0.61
C LEU D 60 -16.75 17.49 1.28
N GLY D 61 -16.09 18.53 0.78
CA GLY D 61 -16.27 19.85 1.37
C GLY D 61 -15.71 19.90 2.78
N LEU D 62 -14.58 19.24 2.99
CA LEU D 62 -13.95 19.23 4.30
C LEU D 62 -12.88 20.30 4.35
N SER D 63 -12.63 20.83 5.54
CA SER D 63 -11.60 21.85 5.68
C SER D 63 -10.28 21.24 5.21
N LYS D 64 -9.48 22.03 4.51
CA LYS D 64 -8.19 21.54 4.03
C LYS D 64 -7.29 21.08 5.17
N ARG D 65 -7.55 21.59 6.37
CA ARG D 65 -6.75 21.24 7.54
C ARG D 65 -7.11 19.86 8.10
N ASP D 66 -8.39 19.52 8.01
CA ASP D 66 -8.89 18.23 8.51
C ASP D 66 -8.60 17.10 7.54
N ALA D 67 -8.69 17.41 6.25
CA ALA D 67 -8.43 16.40 5.24
C ALA D 67 -6.99 15.94 5.40
N LYS D 68 -6.11 16.90 5.76
CA LYS D 68 -4.69 16.62 5.94
C LYS D 68 -4.40 15.76 7.18
N GLU D 69 -5.04 16.08 8.30
CA GLU D 69 -4.83 15.30 9.51
C GLU D 69 -5.36 13.87 9.31
N LEU D 70 -6.48 13.76 8.59
CA LEU D 70 -7.12 12.48 8.32
C LEU D 70 -6.31 11.56 7.41
N VAL D 71 -5.86 12.12 6.29
CA VAL D 71 -5.06 11.36 5.34
C VAL D 71 -3.85 10.77 6.04
N GLU D 72 -3.21 11.60 6.85
CA GLU D 72 -2.01 11.23 7.60
C GLU D 72 -2.34 10.14 8.62
N LEU D 73 -3.45 10.31 9.33
CA LEU D 73 -3.88 9.33 10.35
C LEU D 73 -4.25 8.01 9.67
N PHE D 74 -4.87 8.11 8.51
CA PHE D 74 -5.28 6.94 7.76
C PHE D 74 -4.07 6.01 7.55
N PHE D 75 -2.97 6.56 7.03
CA PHE D 75 -1.77 5.75 6.81
C PHE D 75 -1.05 5.43 8.12
N GLU D 76 -1.19 6.30 9.11
CA GLU D 76 -0.56 6.08 10.40
C GLU D 76 -1.20 4.87 11.05
N GLU D 77 -2.52 4.80 10.99
CA GLU D 77 -3.26 3.69 11.57
C GLU D 77 -2.88 2.38 10.93
N ILE D 78 -2.67 2.39 9.62
CA ILE D 78 -2.27 1.17 8.91
C ILE D 78 -0.91 0.72 9.43
N ARG D 79 0.02 1.65 9.57
CA ARG D 79 1.36 1.34 10.07
C ARG D 79 1.28 0.74 11.46
N ARG D 80 0.43 1.33 12.30
CA ARG D 80 0.25 0.86 13.67
C ARG D 80 -0.26 -0.57 13.70
N ALA D 81 -1.14 -0.92 12.77
CA ALA D 81 -1.70 -2.26 12.71
C ALA D 81 -0.61 -3.26 12.36
N LEU D 82 0.13 -2.96 11.31
CA LEU D 82 1.21 -3.82 10.87
C LEU D 82 2.31 -3.95 11.91
N GLU D 83 2.75 -2.82 12.45
CA GLU D 83 3.84 -2.85 13.42
C GLU D 83 3.50 -3.74 14.62
N ASN D 84 2.20 -3.80 14.92
CA ASN D 84 1.68 -4.60 16.00
C ASN D 84 1.50 -6.05 15.57
N GLY D 85 1.93 -6.39 14.36
CA GLY D 85 1.81 -7.75 13.88
C GLY D 85 0.47 -8.07 13.26
N GLU D 86 -0.35 -7.05 13.05
CA GLU D 86 -1.66 -7.26 12.46
C GLU D 86 -1.72 -7.09 10.94
N GLN D 87 -2.46 -7.98 10.30
CA GLN D 87 -2.64 -7.94 8.85
C GLN D 87 -3.75 -6.93 8.59
N VAL D 88 -3.57 -6.06 7.59
CA VAL D 88 -4.59 -5.05 7.28
C VAL D 88 -5.29 -5.42 5.97
N LYS D 89 -6.60 -5.63 6.05
CA LYS D 89 -7.37 -6.02 4.87
C LYS D 89 -8.40 -4.97 4.47
N LEU D 90 -8.11 -4.27 3.39
CA LEU D 90 -9.00 -3.22 2.92
C LEU D 90 -9.82 -3.73 1.73
N SER D 91 -11.02 -4.23 2.00
CA SER D 91 -11.90 -4.75 0.96
C SER D 91 -12.04 -3.80 -0.21
N GLY D 92 -11.95 -4.34 -1.43
CA GLY D 92 -12.07 -3.52 -2.61
C GLY D 92 -10.77 -2.88 -3.04
N PHE D 93 -9.70 -3.13 -2.29
CA PHE D 93 -8.39 -2.58 -2.61
C PHE D 93 -7.34 -3.70 -2.55
N GLY D 94 -6.93 -4.07 -1.34
CA GLY D 94 -5.95 -5.13 -1.20
C GLY D 94 -5.57 -5.36 0.25
N ASN D 95 -4.71 -6.35 0.49
CA ASN D 95 -4.28 -6.66 1.84
C ASN D 95 -2.79 -6.42 2.09
N PHE D 96 -2.47 -5.84 3.25
CA PHE D 96 -1.09 -5.61 3.65
C PHE D 96 -0.71 -6.76 4.61
N ASP D 97 0.16 -7.66 4.17
CA ASP D 97 0.56 -8.79 5.00
C ASP D 97 1.96 -8.65 5.59
N LEU D 98 2.22 -9.47 6.62
CA LEU D 98 3.52 -9.51 7.28
C LEU D 98 4.10 -10.88 7.02
N ARG D 99 5.38 -10.92 6.65
CA ARG D 99 6.03 -12.19 6.40
C ARG D 99 7.37 -12.22 7.13
N ASP D 100 7.64 -13.32 7.84
CA ASP D 100 8.93 -13.48 8.52
C ASP D 100 9.85 -14.17 7.53
N LYS D 101 10.94 -13.52 7.19
CA LYS D 101 11.86 -14.08 6.23
C LYS D 101 13.14 -14.51 6.93
N ASN D 102 13.66 -15.66 6.51
CA ASN D 102 14.89 -16.17 7.08
C ASN D 102 16.09 -15.61 6.32
N GLN D 103 17.24 -15.68 6.96
CA GLN D 103 18.45 -15.20 6.33
C GLN D 103 18.69 -16.00 5.06
N ARG D 104 19.19 -15.34 4.03
CA ARG D 104 19.48 -16.03 2.78
C ARG D 104 20.67 -15.33 2.13
N PRO D 105 21.45 -16.06 1.32
CA PRO D 105 22.62 -15.51 0.65
C PRO D 105 22.39 -14.30 -0.24
N GLY D 106 23.27 -13.31 -0.08
CA GLY D 106 23.20 -12.09 -0.85
C GLY D 106 24.62 -11.68 -1.24
N ARG D 107 24.81 -10.40 -1.53
CA ARG D 107 26.13 -9.91 -1.93
C ARG D 107 26.07 -8.45 -2.35
N ASN D 108 27.25 -7.86 -2.57
CA ASN D 108 27.35 -6.49 -3.04
C ASN D 108 27.30 -6.64 -4.56
N PRO D 109 26.15 -6.32 -5.17
CA PRO D 109 25.98 -6.42 -6.62
C PRO D 109 27.11 -5.81 -7.46
N LYS D 110 27.79 -4.81 -6.88
CA LYS D 110 28.88 -4.12 -7.58
C LYS D 110 30.21 -4.84 -7.43
N THR D 111 30.55 -5.21 -6.20
CA THR D 111 31.81 -5.89 -5.92
C THR D 111 31.70 -7.40 -6.08
N GLY D 112 30.56 -7.95 -5.70
CA GLY D 112 30.35 -9.39 -5.82
C GLY D 112 30.54 -10.16 -4.54
N GLU D 113 31.25 -9.56 -3.59
CA GLU D 113 31.52 -10.18 -2.29
C GLU D 113 30.24 -10.61 -1.57
N ASP D 114 30.18 -11.88 -1.17
CA ASP D 114 29.02 -12.39 -0.46
C ASP D 114 28.70 -11.56 0.78
N ILE D 115 27.42 -11.28 0.98
CA ILE D 115 26.95 -10.52 2.13
C ILE D 115 25.52 -10.99 2.36
N PRO D 116 25.30 -11.75 3.45
CA PRO D 116 23.98 -12.29 3.79
C PRO D 116 22.83 -11.31 4.03
N ILE D 117 21.64 -11.75 3.61
CA ILE D 117 20.43 -10.99 3.79
C ILE D 117 19.87 -11.43 5.14
N THR D 118 19.96 -10.56 6.13
CA THR D 118 19.49 -10.86 7.48
C THR D 118 18.02 -11.27 7.53
N ALA D 119 17.68 -12.05 8.56
CA ALA D 119 16.31 -12.50 8.78
C ALA D 119 15.53 -11.27 9.18
N ARG D 120 14.27 -11.20 8.76
CA ARG D 120 13.46 -10.02 9.04
C ARG D 120 11.98 -10.26 8.78
N ARG D 121 11.18 -9.26 9.12
CA ARG D 121 9.76 -9.32 8.87
C ARG D 121 9.47 -8.20 7.89
N VAL D 122 8.77 -8.54 6.82
CA VAL D 122 8.45 -7.54 5.83
C VAL D 122 6.95 -7.33 5.64
N VAL D 123 6.61 -6.17 5.09
CA VAL D 123 5.25 -5.81 4.78
C VAL D 123 5.13 -6.06 3.28
N THR D 124 4.08 -6.78 2.89
CA THR D 124 3.84 -7.05 1.48
C THR D 124 2.39 -6.62 1.23
N PHE D 125 2.10 -6.29 -0.02
CA PHE D 125 0.75 -5.88 -0.41
C PHE D 125 0.22 -6.82 -1.48
N ARG D 126 -0.94 -7.42 -1.21
CA ARG D 126 -1.55 -8.30 -2.18
C ARG D 126 -2.74 -7.54 -2.76
N PRO D 127 -2.63 -7.13 -4.04
CA PRO D 127 -3.70 -6.39 -4.70
C PRO D 127 -4.93 -7.27 -4.76
N GLY D 128 -6.10 -6.71 -4.48
CA GLY D 128 -7.29 -7.52 -4.55
C GLY D 128 -7.68 -7.66 -6.01
N GLN D 129 -8.66 -8.53 -6.28
CA GLN D 129 -9.14 -8.74 -7.66
C GLN D 129 -9.89 -7.53 -8.18
N LYS D 130 -10.70 -6.93 -7.32
CA LYS D 130 -11.46 -5.75 -7.70
C LYS D 130 -10.47 -4.77 -8.30
N LEU D 131 -9.43 -4.47 -7.53
CA LEU D 131 -8.40 -3.53 -7.97
C LEU D 131 -7.63 -4.04 -9.17
N LYS D 132 -7.21 -5.29 -9.17
CA LYS D 132 -6.45 -5.80 -10.31
C LYS D 132 -7.23 -5.65 -11.61
N SER D 133 -8.55 -5.87 -11.56
CA SER D 133 -9.39 -5.75 -12.75
C SER D 133 -9.38 -4.34 -13.28
N ARG D 134 -9.56 -3.38 -12.37
CA ARG D 134 -9.58 -1.99 -12.74
C ARG D 134 -8.29 -1.55 -13.42
N VAL D 135 -7.15 -2.05 -12.95
CA VAL D 135 -5.88 -1.68 -13.51
C VAL D 135 -5.59 -2.30 -14.88
N GLU D 136 -6.08 -3.51 -15.11
CA GLU D 136 -5.87 -4.15 -16.39
C GLU D 136 -6.96 -3.62 -17.33
N ASN D 137 -8.18 -3.51 -16.81
CA ASN D 137 -9.31 -3.02 -17.60
C ASN D 137 -9.04 -1.61 -18.08
N ALA D 138 -8.73 -0.72 -17.14
CA ALA D 138 -8.46 0.67 -17.46
C ALA D 138 -7.21 0.85 -18.31
N GLY D 139 -6.16 0.08 -18.01
CA GLY D 139 -4.94 0.18 -18.80
C GLY D 139 -3.69 0.66 -18.08
N GLY D 140 -3.86 1.24 -16.91
CA GLY D 140 -2.70 1.72 -16.19
C GLY D 140 -2.52 3.23 -16.10
N GLY D 141 -2.57 3.75 -14.88
CA GLY D 141 -2.40 5.17 -14.69
C GLY D 141 -1.06 5.51 -14.09
N GLU D 142 -1.09 6.38 -13.08
CA GLU D 142 0.10 6.86 -12.40
C GLU D 142 0.43 6.10 -11.13
N ARG D 143 1.48 6.54 -10.45
CA ARG D 143 1.89 5.93 -9.21
C ARG D 143 1.36 6.71 -8.03
N ILE D 144 1.57 6.16 -6.84
CA ILE D 144 1.16 6.77 -5.60
C ILE D 144 2.44 6.75 -4.80
N GLU D 145 2.77 7.84 -4.13
CA GLU D 145 3.99 7.86 -3.32
C GLU D 145 3.75 8.62 -2.01
N ILE D 146 3.70 7.86 -0.91
CA ILE D 146 3.46 8.41 0.42
C ILE D 146 4.70 8.11 1.27
N ARG D 147 5.54 9.12 1.45
CA ARG D 147 6.77 8.96 2.21
C ARG D 147 6.57 8.43 3.61
N GLY D 148 7.40 7.46 3.98
CA GLY D 148 7.31 6.85 5.29
C GLY D 148 6.33 5.70 5.36
N PHE D 149 5.44 5.61 4.39
CA PHE D 149 4.45 4.54 4.35
C PHE D 149 4.84 3.54 3.27
N GLY D 150 4.86 4.01 2.02
CA GLY D 150 5.21 3.15 0.89
C GLY D 150 4.76 3.76 -0.42
N SER D 151 5.07 3.12 -1.54
CA SER D 151 4.67 3.66 -2.84
C SER D 151 4.00 2.60 -3.67
N PHE D 152 2.98 2.98 -4.44
CA PHE D 152 2.32 2.03 -5.31
C PHE D 152 2.57 2.44 -6.74
N SER D 153 2.97 1.49 -7.58
CA SER D 153 3.19 1.77 -8.98
C SER D 153 2.63 0.60 -9.76
N LEU D 154 2.91 0.56 -11.06
CA LEU D 154 2.41 -0.52 -11.91
C LEU D 154 3.52 -1.24 -12.61
N HIS D 155 3.51 -2.56 -12.50
CA HIS D 155 4.50 -3.37 -13.18
C HIS D 155 3.81 -3.99 -14.38
N TYR D 156 4.58 -4.15 -15.45
CA TYR D 156 4.07 -4.72 -16.69
C TYR D 156 4.20 -6.25 -16.80
N ARG D 157 3.17 -6.89 -17.34
CA ARG D 157 3.16 -8.34 -17.57
C ARG D 157 3.03 -8.58 -19.07
N ALA D 158 4.03 -9.21 -19.64
CA ALA D 158 4.04 -9.49 -21.05
C ALA D 158 2.98 -10.53 -21.44
N PRO D 159 2.51 -10.47 -22.70
CA PRO D 159 1.51 -11.47 -23.07
C PRO D 159 2.16 -12.83 -22.98
N ARG D 160 1.35 -13.85 -22.71
CA ARG D 160 1.87 -15.21 -22.62
C ARG D 160 0.74 -16.19 -22.68
N THR D 161 1.08 -17.42 -23.04
CA THR D 161 0.10 -18.49 -23.11
C THR D 161 0.09 -19.12 -21.73
N GLY D 162 -1.04 -19.01 -21.05
CA GLY D 162 -1.17 -19.58 -19.72
C GLY D 162 -1.99 -20.85 -19.73
N ARG D 163 -2.17 -21.45 -18.56
CA ARG D 163 -2.95 -22.68 -18.45
C ARG D 163 -4.02 -22.51 -17.38
N ASN D 164 -5.16 -23.17 -17.55
CA ASN D 164 -6.19 -23.17 -16.52
C ASN D 164 -5.52 -24.22 -15.61
N PRO D 165 -5.17 -23.86 -14.37
CA PRO D 165 -4.51 -24.87 -13.53
C PRO D 165 -5.37 -26.06 -13.12
N LYS D 166 -6.67 -25.98 -13.40
CA LYS D 166 -7.59 -27.05 -13.05
C LYS D 166 -7.61 -28.10 -14.15
N THR D 167 -7.88 -27.62 -15.36
CA THR D 167 -7.98 -28.46 -16.55
C THR D 167 -6.68 -28.64 -17.33
N GLY D 168 -5.72 -27.73 -17.09
CA GLY D 168 -4.47 -27.82 -17.80
C GLY D 168 -4.60 -27.24 -19.20
N ASP D 169 -5.81 -26.78 -19.54
CA ASP D 169 -6.09 -26.18 -20.84
C ASP D 169 -5.34 -24.87 -21.04
N LYS D 170 -4.77 -24.68 -22.22
CA LYS D 170 -4.05 -23.45 -22.49
C LYS D 170 -5.03 -22.29 -22.56
N VAL D 171 -4.53 -21.10 -22.28
CA VAL D 171 -5.33 -19.87 -22.32
C VAL D 171 -4.41 -18.74 -22.81
N GLU D 172 -4.92 -17.91 -23.72
CA GLU D 172 -4.12 -16.80 -24.26
C GLU D 172 -4.33 -15.52 -23.48
N LEU D 173 -3.26 -15.09 -22.79
CA LEU D 173 -3.28 -13.90 -21.95
C LEU D 173 -2.59 -12.68 -22.52
N GLU D 174 -3.31 -11.57 -22.52
CA GLU D 174 -2.80 -10.31 -23.03
C GLU D 174 -1.97 -9.57 -22.00
N GLY D 175 -1.14 -8.65 -22.48
CA GLY D 175 -0.32 -7.86 -21.60
C GLY D 175 -1.23 -7.07 -20.70
N LYS D 176 -0.70 -6.64 -19.58
CA LYS D 176 -1.48 -5.89 -18.63
C LYS D 176 -0.52 -5.39 -17.59
N TYR D 177 -1.02 -4.50 -16.75
CA TYR D 177 -0.25 -3.93 -15.67
C TYR D 177 -0.85 -4.42 -14.37
N VAL D 178 0.01 -4.59 -13.38
CA VAL D 178 -0.43 -5.03 -12.06
C VAL D 178 0.19 -4.11 -11.03
N PRO D 179 -0.59 -3.74 -10.01
CA PRO D 179 -0.13 -2.87 -8.95
C PRO D 179 1.02 -3.49 -8.19
N HIS D 180 1.96 -2.67 -7.74
CA HIS D 180 3.04 -3.17 -6.93
C HIS D 180 3.36 -2.15 -5.84
N PHE D 181 3.37 -2.62 -4.60
CA PHE D 181 3.62 -1.78 -3.45
C PHE D 181 5.02 -1.98 -2.91
N LYS D 182 5.60 -0.89 -2.42
CA LYS D 182 6.93 -0.92 -1.86
C LYS D 182 6.85 -0.23 -0.51
N PRO D 183 7.06 -0.98 0.58
CA PRO D 183 6.99 -0.37 1.90
C PRO D 183 8.05 0.73 2.06
N GLY D 184 7.66 1.85 2.64
CA GLY D 184 8.58 2.96 2.86
C GLY D 184 9.43 2.68 4.09
N LYS D 185 10.54 3.39 4.22
CA LYS D 185 11.46 3.19 5.34
C LYS D 185 10.85 3.13 6.74
N GLU D 186 10.03 4.11 7.09
CA GLU D 186 9.41 4.14 8.41
C GLU D 186 8.63 2.86 8.69
N LEU D 187 7.79 2.45 7.74
CA LEU D 187 6.98 1.26 7.90
C LEU D 187 7.82 -0.01 7.98
N ARG D 188 8.87 -0.11 7.16
CA ARG D 188 9.73 -1.29 7.19
C ARG D 188 10.44 -1.40 8.53
N ASP D 189 10.95 -0.29 9.03
CA ASP D 189 11.65 -0.28 10.31
C ASP D 189 10.74 -0.70 11.46
N ARG D 190 9.59 -0.03 11.58
CA ARG D 190 8.61 -0.29 12.63
C ARG D 190 7.99 -1.68 12.57
N ALA D 191 7.74 -2.17 11.35
CA ALA D 191 7.14 -3.48 11.17
C ALA D 191 8.15 -4.61 11.40
N ASN D 192 9.41 -4.36 11.06
CA ASN D 192 10.43 -5.36 11.25
C ASN D 192 10.86 -5.48 12.72
N ILE D 193 10.43 -6.55 13.37
CA ILE D 193 10.77 -6.78 14.76
C ILE D 193 12.20 -7.30 14.91
N TYR D 194 13.14 -6.68 14.19
CA TYR D 194 14.57 -7.03 14.25
C TYR D 194 15.42 -5.78 13.99
N GLY D 195 15.01 -4.66 14.56
CA GLY D 195 15.75 -3.43 14.38
C GLY D 195 15.32 -2.31 15.30
N GLY D 196 14.52 -2.63 16.30
CA GLY D 196 14.07 -1.63 17.26
C GLY D 196 15.17 -1.28 18.24
N SER D 197 16.42 -1.38 17.77
CA SER D 197 17.59 -1.09 18.59
C SER D 197 18.46 0.00 17.96
N GLY D 198 19.53 0.37 18.68
CA GLY D 198 20.47 1.38 18.22
C GLY D 198 20.63 1.25 16.71
N HIS D 199 20.18 2.26 15.99
CA HIS D 199 20.22 2.24 14.53
C HIS D 199 21.51 2.25 13.75
N HIS D 200 21.31 2.32 12.44
CA HIS D 200 22.33 2.33 11.41
C HIS D 200 22.44 3.82 11.04
N HIS D 201 23.57 4.45 11.37
CA HIS D 201 23.72 5.88 11.12
C HIS D 201 25.15 6.44 11.17
N HIS D 202 26.00 6.10 10.21
CA HIS D 202 27.34 6.70 10.25
C HIS D 202 27.80 7.21 8.88
N HIS D 203 28.78 8.12 8.92
CA HIS D 203 29.26 8.82 7.73
C HIS D 203 30.39 8.34 6.80
N HIS D 204 31.05 7.21 7.06
CA HIS D 204 32.11 6.79 6.14
C HIS D 204 32.49 5.31 6.32
#